data_8OY2
#
_entry.id   8OY2
#
_cell.length_a   54.360
_cell.length_b   72.685
_cell.length_c   72.959
_cell.angle_alpha   90.00
_cell.angle_beta   90.00
_cell.angle_gamma   90.00
#
_symmetry.space_group_name_H-M   'P 21 21 21'
#
loop_
_entity.id
_entity.type
_entity.pdbx_description
1 polymer 'Cyclin-dependent kinase 2'
2 non-polymer (1S,2S,11aS)-1-methoxy-1,4,7,10-tetramethyl-2,9-bis(oxidanyl)-2,11a-dihydrobenzo[b][1,4]benzodioxepine-3,6-dione
3 non-polymer GLYCEROL
4 water water
#
_entity_poly.entity_id   1
_entity_poly.type   'polypeptide(L)'
_entity_poly.pdbx_seq_one_letter_code
;GAMENFQKVEKIGEGTYGVVYKARNKLTGEVVALKKIRLDTETEGVPSTAIREISLLKELNHPNIVKLLDVIHTENKLYL
VFEFLHQDLKKFMDASALTGIPLPLIKSYLFQLLQGLAFCHSHRVLHRDLKPQNLLINTEGAIKLADFGLARAFGVPVRT
YTHEVVTLWYRAPEILLGCKYYSTAVDIWSLGCIFAEMVTRRALFPGDSEIDQLFRIFRTLGTPDEVVWPGVTSMPDYKP
SFPKWARQDFSKVVPPLDEDGRSLLSQMLHYDPNKRISAKAALAHPFFQDVTKPVPHLRL
;
_entity_poly.pdbx_strand_id   A
#
loop_
_chem_comp.id
_chem_comp.type
_chem_comp.name
_chem_comp.formula
GOL non-polymer GLYCEROL 'C3 H8 O3'
W5W non-polymer (1S,2S,11aS)-1-methoxy-1,4,7,10-tetramethyl-2,9-bis(oxidanyl)-2,11a-dihydrobenzo[b][1,4]benzodioxepine-3,6-dione 'C18 H20 O7'
#
# COMPACT_ATOMS: atom_id res chain seq x y z
N GLU A 4 4.72 -27.63 18.91
CA GLU A 4 4.06 -26.28 19.05
C GLU A 4 2.55 -26.44 18.87
N ASN A 5 1.76 -25.49 19.42
CA ASN A 5 0.28 -25.51 19.36
C ASN A 5 -0.19 -24.96 18.01
N PHE A 6 0.63 -25.08 16.96
CA PHE A 6 0.34 -24.65 15.57
C PHE A 6 0.60 -25.80 14.61
N GLN A 7 -0.39 -26.13 13.78
CA GLN A 7 -0.38 -27.22 12.77
C GLN A 7 -0.36 -26.52 11.39
N LYS A 8 0.75 -26.63 10.65
CA LYS A 8 1.00 -25.88 9.39
C LYS A 8 0.28 -26.60 8.24
N VAL A 9 -0.87 -26.06 7.82
CA VAL A 9 -1.72 -26.54 6.68
C VAL A 9 -0.86 -26.54 5.41
N GLU A 10 -0.43 -25.36 4.96
CA GLU A 10 0.36 -25.19 3.71
C GLU A 10 1.07 -23.83 3.71
N LYS A 11 2.10 -23.71 2.86
CA LYS A 11 2.91 -22.49 2.64
C LYS A 11 2.17 -21.59 1.64
N ILE A 12 2.03 -20.30 1.98
CA ILE A 12 1.26 -19.31 1.18
C ILE A 12 2.18 -18.22 0.61
N GLY A 13 3.46 -18.16 1.01
CA GLY A 13 4.46 -17.22 0.44
C GLY A 13 5.75 -17.15 1.23
N GLU A 14 6.83 -16.69 0.59
CA GLU A 14 8.14 -16.36 1.22
C GLU A 14 8.24 -14.84 1.39
N GLY A 15 8.69 -14.38 2.56
CA GLY A 15 9.05 -12.97 2.86
C GLY A 15 10.56 -12.78 2.84
N THR A 16 11.04 -11.63 3.33
CA THR A 16 12.45 -11.18 3.21
C THR A 16 13.31 -11.73 4.35
N TYR A 17 12.74 -11.89 5.55
CA TYR A 17 13.42 -12.40 6.77
C TYR A 17 12.90 -13.81 7.15
N GLY A 18 11.69 -14.17 6.70
CA GLY A 18 11.06 -15.46 7.02
C GLY A 18 10.11 -15.92 5.94
N VAL A 19 9.43 -17.05 6.19
CA VAL A 19 8.42 -17.69 5.28
C VAL A 19 7.06 -17.57 5.96
N VAL A 20 5.98 -17.63 5.16
CA VAL A 20 4.56 -17.53 5.63
C VAL A 20 3.85 -18.85 5.37
N TYR A 21 3.06 -19.28 6.36
CA TYR A 21 2.24 -20.51 6.34
C TYR A 21 0.81 -20.16 6.74
N LYS A 22 -0.16 -20.84 6.10
CA LYS A 22 -1.52 -21.06 6.66
C LYS A 22 -1.38 -22.16 7.71
N ALA A 23 -1.94 -21.92 8.90
CA ALA A 23 -1.75 -22.72 10.12
C ALA A 23 -3.06 -22.76 10.91
N ARG A 24 -3.12 -23.66 11.88
CA ARG A 24 -4.29 -23.90 12.75
C ARG A 24 -3.79 -23.91 14.21
N ASN A 25 -4.41 -23.10 15.07
CA ASN A 25 -4.02 -22.95 16.49
C ASN A 25 -4.71 -24.07 17.28
N LYS A 26 -3.94 -25.06 17.76
CA LYS A 26 -4.45 -26.34 18.33
C LYS A 26 -5.32 -26.08 19.58
N LEU A 27 -5.10 -24.98 20.30
CA LEU A 27 -5.94 -24.54 21.44
C LEU A 27 -7.33 -24.18 20.95
N THR A 28 -7.41 -23.18 20.06
CA THR A 28 -8.63 -22.40 19.68
C THR A 28 -9.37 -23.00 18.47
N GLY A 29 -8.75 -23.91 17.71
CA GLY A 29 -9.23 -24.34 16.38
C GLY A 29 -9.31 -23.18 15.40
N GLU A 30 -8.41 -22.19 15.56
CA GLU A 30 -8.41 -20.87 14.88
C GLU A 30 -7.42 -20.93 13.71
N VAL A 31 -7.88 -20.61 12.49
CA VAL A 31 -7.07 -20.62 11.24
C VAL A 31 -6.44 -19.24 11.11
N VAL A 32 -5.11 -19.20 10.94
CA VAL A 32 -4.24 -17.99 11.07
C VAL A 32 -3.13 -18.01 10.00
N ALA A 33 -2.66 -16.83 9.62
CA ALA A 33 -1.42 -16.63 8.84
C ALA A 33 -0.27 -16.54 9.83
N LEU A 34 0.80 -17.33 9.61
CA LEU A 34 1.91 -17.57 10.58
C LEU A 34 3.25 -17.29 9.87
N LYS A 35 4.01 -16.30 10.37
CA LYS A 35 5.31 -15.84 9.79
C LYS A 35 6.45 -16.31 10.70
N LYS A 36 7.37 -17.11 10.15
CA LYS A 36 8.50 -17.74 10.86
C LYS A 36 9.81 -17.09 10.39
N ILE A 37 10.40 -16.23 11.23
CA ILE A 37 11.65 -15.45 10.96
C ILE A 37 12.84 -16.15 11.63
N ARG A 38 14.04 -15.98 11.06
CA ARG A 38 15.35 -16.44 11.61
C ARG A 38 16.26 -15.23 11.81
N THR A 49 15.47 -5.25 20.56
CA THR A 49 14.86 -3.91 20.29
C THR A 49 13.67 -4.05 19.31
N ALA A 50 13.84 -4.81 18.22
CA ALA A 50 12.84 -5.03 17.16
C ALA A 50 11.58 -5.71 17.74
N ILE A 51 11.76 -6.77 18.54
CA ILE A 51 10.70 -7.58 19.21
C ILE A 51 9.78 -6.64 20.02
N ARG A 52 10.37 -5.68 20.77
CA ARG A 52 9.65 -4.65 21.55
C ARG A 52 8.88 -3.71 20.62
N GLU A 53 9.53 -3.22 19.56
CA GLU A 53 8.97 -2.25 18.58
C GLU A 53 7.84 -2.91 17.76
N ILE A 54 8.00 -4.19 17.37
CA ILE A 54 6.99 -4.98 16.60
C ILE A 54 5.76 -5.20 17.48
N SER A 55 5.95 -5.81 18.66
CA SER A 55 4.93 -6.15 19.69
C SER A 55 3.87 -5.05 19.83
N LEU A 56 4.26 -3.78 19.74
CA LEU A 56 3.37 -2.59 19.89
C LEU A 56 2.22 -2.61 18.86
N LEU A 57 2.40 -3.22 17.69
CA LEU A 57 1.40 -3.26 16.59
C LEU A 57 0.17 -4.10 17.00
N LYS A 58 0.32 -5.02 17.96
CA LYS A 58 -0.77 -5.82 18.58
C LYS A 58 -1.89 -4.91 19.09
N GLU A 59 -1.53 -3.73 19.60
CA GLU A 59 -2.49 -2.73 20.16
C GLU A 59 -3.37 -2.13 19.04
N LEU A 60 -2.88 -2.00 17.80
CA LEU A 60 -3.66 -1.41 16.66
C LEU A 60 -4.88 -2.30 16.40
N ASN A 61 -6.08 -1.82 16.73
CA ASN A 61 -7.34 -2.52 16.36
C ASN A 61 -8.20 -1.53 15.56
N HIS A 62 -8.41 -1.84 14.28
CA HIS A 62 -9.25 -1.09 13.32
C HIS A 62 -9.80 -2.05 12.27
N PRO A 63 -11.04 -1.90 11.75
CA PRO A 63 -11.60 -2.84 10.79
C PRO A 63 -10.83 -3.04 9.48
N ASN A 64 -9.92 -2.12 9.12
CA ASN A 64 -9.16 -2.12 7.85
C ASN A 64 -7.67 -2.38 8.11
N ILE A 65 -7.32 -2.87 9.29
CA ILE A 65 -5.96 -3.41 9.63
C ILE A 65 -6.09 -4.92 9.89
N VAL A 66 -5.30 -5.74 9.20
CA VAL A 66 -5.10 -7.17 9.55
C VAL A 66 -4.58 -7.21 11.00
N LYS A 67 -5.21 -7.98 11.88
CA LYS A 67 -4.85 -8.06 13.33
C LYS A 67 -3.59 -8.92 13.50
N LEU A 68 -2.55 -8.35 14.13
CA LEU A 68 -1.39 -9.11 14.69
C LEU A 68 -1.84 -9.71 16.03
N LEU A 69 -1.95 -11.05 16.09
CA LEU A 69 -2.58 -11.79 17.20
C LEU A 69 -1.57 -12.11 18.30
N ASP A 70 -0.41 -12.67 17.93
CA ASP A 70 0.65 -13.10 18.88
C ASP A 70 2.03 -12.83 18.26
N VAL A 71 2.94 -12.27 19.07
CA VAL A 71 4.41 -12.22 18.80
C VAL A 71 5.08 -13.18 19.79
N ILE A 72 5.50 -14.35 19.32
CA ILE A 72 6.13 -15.43 20.13
C ILE A 72 7.65 -15.36 19.89
N HIS A 73 8.42 -15.19 20.97
CA HIS A 73 9.90 -15.24 20.99
C HIS A 73 10.33 -16.42 21.85
N THR A 74 10.47 -17.60 21.23
CA THR A 74 10.73 -18.89 21.91
C THR A 74 11.65 -19.75 21.04
N GLU A 75 12.48 -20.59 21.67
CA GLU A 75 13.60 -21.35 21.05
C GLU A 75 14.52 -20.38 20.29
N ASN A 76 14.77 -19.20 20.88
CA ASN A 76 15.50 -18.04 20.30
C ASN A 76 15.10 -17.86 18.82
N LYS A 77 13.80 -17.73 18.55
CA LYS A 77 13.22 -17.59 17.18
C LYS A 77 11.93 -16.76 17.28
N LEU A 78 11.52 -16.13 16.17
CA LEU A 78 10.41 -15.12 16.14
C LEU A 78 9.30 -15.59 15.21
N TYR A 79 8.14 -15.96 15.78
CA TYR A 79 6.87 -16.25 15.07
C TYR A 79 5.93 -15.07 15.25
N LEU A 80 5.36 -14.58 14.15
CA LEU A 80 4.24 -13.59 14.14
C LEU A 80 3.00 -14.30 13.62
N VAL A 81 1.88 -14.16 14.32
CA VAL A 81 0.57 -14.77 13.97
C VAL A 81 -0.41 -13.63 13.64
N PHE A 82 -1.06 -13.71 12.49
CA PHE A 82 -2.02 -12.70 11.98
C PHE A 82 -3.39 -13.35 11.71
N GLU A 83 -4.45 -12.57 11.91
CA GLU A 83 -5.79 -12.73 11.29
C GLU A 83 -5.60 -13.23 9.85
N PHE A 84 -6.23 -14.36 9.49
CA PHE A 84 -6.16 -14.98 8.14
C PHE A 84 -7.28 -14.42 7.23
N LEU A 85 -6.94 -14.12 5.97
CA LEU A 85 -7.89 -13.82 4.88
C LEU A 85 -7.45 -14.60 3.62
N HIS A 86 -8.40 -14.88 2.72
CA HIS A 86 -8.26 -15.93 1.66
C HIS A 86 -7.57 -15.37 0.41
N GLN A 87 -7.87 -14.13 0.04
CA GLN A 87 -7.41 -13.50 -1.22
C GLN A 87 -6.83 -12.09 -0.94
N ASP A 88 -5.87 -11.69 -1.77
CA ASP A 88 -5.18 -10.37 -1.79
C ASP A 88 -5.69 -9.59 -3.00
N LEU A 89 -5.47 -8.28 -3.04
CA LEU A 89 -6.01 -7.39 -4.11
C LEU A 89 -5.36 -7.75 -5.47
N LYS A 90 -4.07 -8.10 -5.49
CA LYS A 90 -3.32 -8.43 -6.74
C LYS A 90 -3.99 -9.60 -7.47
N LYS A 91 -4.36 -10.67 -6.76
CA LYS A 91 -5.09 -11.81 -7.37
C LYS A 91 -6.44 -11.31 -7.90
N PHE A 92 -7.14 -10.48 -7.14
CA PHE A 92 -8.49 -9.97 -7.49
C PHE A 92 -8.41 -9.02 -8.68
N MET A 93 -7.34 -8.22 -8.78
CA MET A 93 -7.06 -7.40 -9.98
C MET A 93 -6.82 -8.31 -11.19
N ASP A 94 -5.92 -9.29 -11.07
CA ASP A 94 -5.50 -10.21 -12.17
C ASP A 94 -6.70 -11.02 -12.66
N ALA A 95 -7.55 -11.49 -11.75
CA ALA A 95 -8.83 -12.17 -12.04
C ALA A 95 -9.78 -11.21 -12.78
N SER A 96 -9.92 -9.98 -12.30
CA SER A 96 -10.88 -8.96 -12.83
C SER A 96 -10.21 -8.15 -13.96
N ALA A 97 -9.42 -8.79 -14.81
CA ALA A 97 -8.57 -8.16 -15.85
C ALA A 97 -9.39 -7.90 -17.11
N LEU A 98 -10.16 -8.90 -17.56
CA LEU A 98 -10.96 -8.82 -18.81
C LEU A 98 -12.07 -7.77 -18.66
N THR A 99 -12.82 -7.81 -17.56
CA THR A 99 -14.01 -6.95 -17.34
C THR A 99 -13.62 -5.64 -16.61
N GLY A 100 -12.63 -5.68 -15.73
CA GLY A 100 -12.28 -4.55 -14.86
C GLY A 100 -13.20 -4.48 -13.65
N ILE A 101 -12.63 -4.08 -12.50
CA ILE A 101 -13.34 -3.91 -11.20
C ILE A 101 -14.40 -2.82 -11.39
N PRO A 102 -15.68 -3.05 -11.03
CA PRO A 102 -16.69 -1.99 -11.01
C PRO A 102 -16.27 -0.78 -10.16
N LEU A 103 -16.50 0.43 -10.66
CA LEU A 103 -16.06 1.70 -10.03
C LEU A 103 -16.61 1.82 -8.61
N PRO A 104 -17.87 1.39 -8.30
CA PRO A 104 -18.36 1.42 -6.92
C PRO A 104 -17.54 0.52 -5.97
N LEU A 105 -17.02 -0.59 -6.46
CA LEU A 105 -16.15 -1.49 -5.66
C LEU A 105 -14.78 -0.83 -5.50
N ILE A 106 -14.24 -0.24 -6.56
CA ILE A 106 -12.97 0.56 -6.54
C ILE A 106 -13.10 1.64 -5.47
N LYS A 107 -14.11 2.50 -5.60
CA LYS A 107 -14.39 3.64 -4.67
C LYS A 107 -14.50 3.15 -3.22
N SER A 108 -15.06 1.97 -2.98
CA SER A 108 -15.26 1.42 -1.61
C SER A 108 -13.91 1.04 -1.00
N TYR A 109 -13.15 0.21 -1.72
CA TYR A 109 -11.79 -0.23 -1.32
C TYR A 109 -10.89 0.98 -1.02
N LEU A 110 -10.94 2.04 -1.84
CA LEU A 110 -10.06 3.23 -1.70
C LEU A 110 -10.44 4.01 -0.42
N PHE A 111 -11.73 4.26 -0.22
CA PHE A 111 -12.31 4.92 0.99
C PHE A 111 -11.89 4.17 2.24
N GLN A 112 -12.05 2.84 2.23
CA GLN A 112 -11.70 1.91 3.35
C GLN A 112 -10.19 1.97 3.65
N LEU A 113 -9.34 1.79 2.64
CA LEU A 113 -7.85 1.80 2.77
C LEU A 113 -7.40 3.13 3.40
N LEU A 114 -8.02 4.25 3.01
CA LEU A 114 -7.73 5.60 3.58
C LEU A 114 -8.09 5.65 5.07
N GLN A 115 -9.18 5.00 5.51
CA GLN A 115 -9.59 4.98 6.95
C GLN A 115 -8.55 4.20 7.76
N GLY A 116 -8.04 3.10 7.19
CA GLY A 116 -6.88 2.35 7.71
C GLY A 116 -5.64 3.22 7.83
N LEU A 117 -5.28 3.96 6.77
CA LEU A 117 -4.06 4.81 6.77
C LEU A 117 -4.24 5.94 7.78
N ALA A 118 -5.39 6.60 7.76
CA ALA A 118 -5.82 7.65 8.71
C ALA A 118 -5.70 7.13 10.15
N PHE A 119 -6.06 5.87 10.40
CA PHE A 119 -5.94 5.24 11.73
C PHE A 119 -4.46 5.01 12.09
N CYS A 120 -3.68 4.38 11.18
CA CYS A 120 -2.25 4.06 11.38
C CYS A 120 -1.44 5.35 11.59
N HIS A 121 -1.64 6.35 10.73
CA HIS A 121 -0.92 7.64 10.74
C HIS A 121 -1.19 8.40 12.05
N SER A 122 -2.44 8.45 12.54
CA SER A 122 -2.80 9.17 13.79
C SER A 122 -2.11 8.53 15.01
N HIS A 123 -1.73 7.25 14.93
CA HIS A 123 -0.91 6.51 15.94
C HIS A 123 0.57 6.50 15.57
N ARG A 124 1.00 7.30 14.58
CA ARG A 124 2.41 7.40 14.13
C ARG A 124 2.91 6.01 13.73
N VAL A 125 2.19 5.37 12.80
CA VAL A 125 2.53 4.03 12.23
C VAL A 125 2.51 4.15 10.71
N LEU A 126 3.61 3.79 10.04
CA LEU A 126 3.81 3.88 8.57
C LEU A 126 3.96 2.47 7.99
N HIS A 127 3.37 2.21 6.83
CA HIS A 127 3.56 0.93 6.08
C HIS A 127 4.95 0.94 5.43
N ARG A 128 5.18 1.86 4.48
CA ARG A 128 6.44 2.08 3.70
C ARG A 128 6.45 1.25 2.40
N ASP A 129 6.08 -0.04 2.47
CA ASP A 129 6.03 -0.98 1.31
C ASP A 129 4.58 -1.43 1.05
N LEU A 130 3.66 -0.47 1.04
CA LEU A 130 2.22 -0.69 0.77
C LEU A 130 2.03 -0.96 -0.72
N LYS A 131 1.59 -2.18 -1.09
CA LYS A 131 1.40 -2.60 -2.51
C LYS A 131 0.22 -3.55 -2.56
N PRO A 132 -0.33 -3.90 -3.76
CA PRO A 132 -1.54 -4.72 -3.84
C PRO A 132 -1.44 -6.13 -3.23
N GLN A 133 -0.24 -6.72 -3.24
CA GLN A 133 0.02 -8.08 -2.69
C GLN A 133 -0.42 -8.16 -1.23
N ASN A 134 -0.31 -7.07 -0.46
CA ASN A 134 -0.57 -7.09 1.01
C ASN A 134 -1.77 -6.20 1.35
N LEU A 135 -2.78 -6.22 0.47
CA LEU A 135 -4.16 -5.70 0.73
C LEU A 135 -5.12 -6.90 0.61
N LEU A 136 -5.65 -7.36 1.74
CA LEU A 136 -6.46 -8.61 1.81
C LEU A 136 -7.95 -8.24 1.79
N ILE A 137 -8.75 -9.03 1.07
CA ILE A 137 -10.21 -8.80 0.85
C ILE A 137 -11.02 -10.01 1.37
N ASN A 138 -12.34 -9.80 1.52
CA ASN A 138 -13.28 -10.81 2.08
C ASN A 138 -14.64 -10.69 1.35
N THR A 139 -15.57 -11.57 1.70
CA THR A 139 -16.90 -11.74 1.06
C THR A 139 -17.87 -10.65 1.53
N GLU A 140 -17.60 -10.04 2.69
CA GLU A 140 -18.34 -8.86 3.20
C GLU A 140 -18.02 -7.61 2.33
N GLY A 141 -16.99 -7.67 1.48
CA GLY A 141 -16.61 -6.58 0.56
C GLY A 141 -15.71 -5.57 1.25
N ALA A 142 -14.95 -6.05 2.24
CA ALA A 142 -14.00 -5.27 3.06
C ALA A 142 -12.56 -5.56 2.64
N ILE A 143 -11.67 -4.61 2.93
CA ILE A 143 -10.25 -4.60 2.51
C ILE A 143 -9.43 -4.16 3.72
N LYS A 144 -8.33 -4.86 3.99
CA LYS A 144 -7.52 -4.71 5.22
C LYS A 144 -6.05 -4.53 4.81
N LEU A 145 -5.30 -3.74 5.58
CA LEU A 145 -3.86 -3.49 5.34
C LEU A 145 -3.05 -4.55 6.09
N ALA A 146 -2.22 -5.29 5.37
CA ALA A 146 -1.35 -6.36 5.91
C ALA A 146 0.11 -5.92 5.82
N ASP A 147 0.95 -6.46 6.71
CA ASP A 147 2.40 -6.17 6.83
C ASP A 147 2.61 -4.69 7.23
N PHE A 148 1.71 -4.12 8.04
CA PHE A 148 1.71 -2.67 8.43
C PHE A 148 2.54 -2.43 9.70
N GLY A 149 3.59 -1.60 9.58
CA GLY A 149 4.35 -1.05 10.72
C GLY A 149 5.50 -1.94 11.19
N LEU A 150 5.81 -3.03 10.47
CA LEU A 150 6.87 -4.02 10.83
C LEU A 150 8.24 -3.56 10.33
N ALA A 151 8.33 -3.11 9.07
CA ALA A 151 9.57 -2.77 8.34
C ALA A 151 10.54 -1.97 9.23
N ARG A 152 10.13 -0.79 9.70
CA ARG A 152 10.83 0.07 10.70
C ARG A 152 12.36 0.03 10.46
N VAL A 165 13.77 -10.13 -6.41
CA VAL A 165 13.87 -8.67 -6.09
C VAL A 165 12.46 -8.13 -5.80
N VAL A 166 12.38 -7.13 -4.92
CA VAL A 166 11.12 -6.45 -4.51
C VAL A 166 10.81 -5.36 -5.55
N THR A 167 9.53 -5.24 -5.92
CA THR A 167 9.05 -4.30 -6.96
C THR A 167 9.07 -2.90 -6.32
N LEU A 168 9.41 -1.88 -7.12
CA LEU A 168 9.54 -0.45 -6.71
C LEU A 168 8.39 0.38 -7.31
N TRP A 169 7.38 -0.30 -7.88
CA TRP A 169 6.24 0.27 -8.65
C TRP A 169 5.48 1.30 -7.79
N TYR A 170 5.53 1.17 -6.47
CA TYR A 170 4.67 1.89 -5.49
C TYR A 170 5.52 2.77 -4.57
N ARG A 171 6.83 2.83 -4.80
CA ARG A 171 7.79 3.63 -4.01
C ARG A 171 7.63 5.11 -4.32
N ALA A 172 7.43 5.93 -3.27
CA ALA A 172 7.34 7.41 -3.36
C ALA A 172 8.64 7.94 -3.95
N PRO A 173 8.59 9.12 -4.62
CA PRO A 173 9.79 9.70 -5.23
C PRO A 173 10.81 10.22 -4.20
N GLU A 174 10.39 10.54 -2.97
CA GLU A 174 11.29 10.99 -1.86
C GLU A 174 12.14 9.83 -1.35
N ILE A 175 11.65 8.60 -1.47
CA ILE A 175 12.43 7.40 -1.09
C ILE A 175 13.48 7.14 -2.18
N LEU A 176 13.07 7.13 -3.46
CA LEU A 176 13.96 6.85 -4.61
C LEU A 176 15.06 7.92 -4.73
N LEU A 177 14.82 9.14 -4.22
CA LEU A 177 15.81 10.26 -4.20
C LEU A 177 16.63 10.24 -2.91
N GLY A 178 16.43 9.24 -2.03
CA GLY A 178 17.36 8.90 -0.93
C GLY A 178 17.12 9.69 0.34
N CYS A 179 15.89 10.18 0.58
CA CYS A 179 15.46 10.76 1.88
C CYS A 179 15.43 9.67 2.94
N LYS A 180 16.17 9.85 4.04
CA LYS A 180 16.25 8.89 5.17
C LYS A 180 15.01 9.03 6.08
N TYR A 181 14.34 10.21 6.05
CA TYR A 181 13.32 10.65 7.04
C TYR A 181 11.97 10.80 6.36
N TYR A 182 11.39 9.64 5.99
CA TYR A 182 10.03 9.46 5.41
C TYR A 182 8.98 10.08 6.34
N SER A 183 7.82 10.44 5.77
CA SER A 183 6.58 10.80 6.50
C SER A 183 5.41 9.94 5.99
N THR A 184 4.21 10.18 6.54
CA THR A 184 2.96 9.45 6.22
C THR A 184 2.57 9.61 4.74
N ALA A 185 3.12 10.62 4.06
CA ALA A 185 2.82 10.93 2.64
C ALA A 185 3.39 9.85 1.72
N VAL A 186 4.38 9.07 2.17
CA VAL A 186 4.96 7.95 1.37
C VAL A 186 3.90 6.87 1.11
N ASP A 187 2.91 6.70 2.01
CA ASP A 187 1.82 5.69 1.90
C ASP A 187 0.69 6.23 1.03
N ILE A 188 0.36 7.52 1.13
CA ILE A 188 -0.67 8.17 0.27
C ILE A 188 -0.27 7.98 -1.19
N TRP A 189 0.99 8.26 -1.53
CA TRP A 189 1.57 7.99 -2.89
C TRP A 189 1.20 6.57 -3.36
N SER A 190 1.59 5.55 -2.61
CA SER A 190 1.37 4.12 -2.94
C SER A 190 -0.12 3.85 -3.21
N LEU A 191 -1.00 4.38 -2.36
CA LEU A 191 -2.45 4.18 -2.50
C LEU A 191 -2.93 4.82 -3.81
N GLY A 192 -2.40 6.01 -4.13
CA GLY A 192 -2.67 6.71 -5.39
C GLY A 192 -2.27 5.85 -6.59
N CYS A 193 -1.13 5.16 -6.51
CA CYS A 193 -0.63 4.24 -7.57
C CYS A 193 -1.55 3.04 -7.74
N ILE A 194 -2.06 2.50 -6.63
CA ILE A 194 -2.95 1.30 -6.64
C ILE A 194 -4.33 1.73 -7.16
N PHE A 195 -4.83 2.90 -6.75
CA PHE A 195 -6.09 3.51 -7.24
C PHE A 195 -6.05 3.57 -8.78
N ALA A 196 -4.97 4.12 -9.35
CA ALA A 196 -4.74 4.23 -10.80
C ALA A 196 -4.79 2.84 -11.43
N GLU A 197 -4.16 1.86 -10.80
CA GLU A 197 -3.98 0.48 -11.33
C GLU A 197 -5.34 -0.23 -11.40
N MET A 198 -6.16 -0.11 -10.36
CA MET A 198 -7.54 -0.69 -10.28
C MET A 198 -8.40 -0.13 -11.42
N VAL A 199 -8.27 1.17 -11.68
CA VAL A 199 -9.06 1.94 -12.69
C VAL A 199 -8.58 1.56 -14.09
N THR A 200 -7.26 1.45 -14.31
CA THR A 200 -6.65 1.30 -15.68
C THR A 200 -6.40 -0.17 -16.03
N ARG A 201 -6.16 -1.03 -15.03
CA ARG A 201 -5.78 -2.47 -15.16
C ARG A 201 -4.36 -2.54 -15.74
N ARG A 202 -3.48 -1.73 -15.17
CA ARG A 202 -2.09 -1.51 -15.62
C ARG A 202 -1.35 -0.73 -14.53
N ALA A 203 -0.25 -1.28 -14.02
CA ALA A 203 0.68 -0.54 -13.13
C ALA A 203 0.96 0.85 -13.74
N LEU A 204 0.85 1.89 -12.90
CA LEU A 204 1.03 3.32 -13.32
C LEU A 204 2.50 3.58 -13.68
N PHE A 205 3.41 3.19 -12.79
CA PHE A 205 4.90 3.34 -12.91
C PHE A 205 5.56 1.98 -12.75
N PRO A 206 5.49 1.10 -13.78
CA PRO A 206 6.11 -0.23 -13.69
C PRO A 206 7.62 -0.18 -13.95
N GLY A 207 8.40 0.32 -12.98
CA GLY A 207 9.87 0.46 -13.08
C GLY A 207 10.57 -0.83 -12.72
N ASP A 208 11.76 -1.07 -13.28
CA ASP A 208 12.57 -2.31 -13.09
C ASP A 208 13.98 -1.97 -12.56
N SER A 209 14.20 -0.74 -12.09
CA SER A 209 15.40 -0.29 -11.33
C SER A 209 15.07 1.06 -10.70
N GLU A 210 15.89 1.51 -9.77
CA GLU A 210 15.58 2.73 -8.96
C GLU A 210 15.53 3.93 -9.91
N ILE A 211 16.47 3.99 -10.86
CA ILE A 211 16.52 5.09 -11.86
C ILE A 211 15.35 4.95 -12.85
N ASP A 212 15.04 3.73 -13.30
CA ASP A 212 13.98 3.47 -14.31
C ASP A 212 12.61 3.88 -13.75
N GLN A 213 12.33 3.42 -12.54
CA GLN A 213 11.15 3.79 -11.71
C GLN A 213 11.03 5.31 -11.68
N LEU A 214 12.09 5.97 -11.19
CA LEU A 214 12.13 7.43 -10.95
C LEU A 214 11.89 8.21 -12.26
N PHE A 215 12.48 7.74 -13.37
CA PHE A 215 12.34 8.32 -14.74
C PHE A 215 10.92 8.09 -15.28
N ARG A 216 10.27 6.94 -15.00
CA ARG A 216 8.84 6.66 -15.35
C ARG A 216 7.88 7.67 -14.69
N ILE A 217 8.15 8.04 -13.43
CA ILE A 217 7.32 9.06 -12.71
C ILE A 217 7.54 10.41 -13.43
N PHE A 218 8.80 10.74 -13.74
CA PHE A 218 9.19 12.01 -14.39
C PHE A 218 8.58 12.10 -15.79
N ARG A 219 8.46 10.97 -16.51
CA ARG A 219 7.89 10.97 -17.88
C ARG A 219 6.40 11.34 -17.82
N THR A 220 5.72 11.11 -16.68
CA THR A 220 4.25 11.34 -16.52
C THR A 220 3.94 12.68 -15.84
N LEU A 221 4.65 13.00 -14.76
CA LEU A 221 4.36 14.19 -13.91
C LEU A 221 5.39 15.30 -14.19
N GLY A 222 6.24 15.10 -15.19
CA GLY A 222 7.37 15.99 -15.49
C GLY A 222 8.45 15.89 -14.43
N THR A 223 9.71 16.09 -14.82
CA THR A 223 10.86 16.19 -13.89
C THR A 223 10.54 17.28 -12.86
N PRO A 224 10.68 17.00 -11.55
CA PRO A 224 10.38 18.01 -10.54
C PRO A 224 11.48 19.08 -10.50
N ASP A 225 11.17 20.21 -9.85
CA ASP A 225 12.09 21.37 -9.67
C ASP A 225 11.73 22.10 -8.37
N GLU A 226 12.49 23.14 -8.04
CA GLU A 226 12.30 23.96 -6.81
C GLU A 226 10.95 24.68 -6.84
N VAL A 227 10.38 24.91 -8.03
CA VAL A 227 9.04 25.57 -8.21
C VAL A 227 7.99 24.69 -7.53
N VAL A 228 7.81 23.47 -8.05
CA VAL A 228 6.73 22.52 -7.65
C VAL A 228 7.17 21.74 -6.39
N TRP A 229 8.49 21.54 -6.19
CA TRP A 229 9.08 20.72 -5.09
C TRP A 229 10.28 21.46 -4.50
N PRO A 230 10.06 22.45 -3.61
CA PRO A 230 11.15 23.04 -2.83
C PRO A 230 11.95 22.01 -2.01
N GLY A 231 13.26 21.92 -2.29
CA GLY A 231 14.22 21.02 -1.64
C GLY A 231 14.76 19.97 -2.58
N VAL A 232 14.03 19.68 -3.67
CA VAL A 232 14.25 18.52 -4.59
C VAL A 232 15.69 18.51 -5.12
N THR A 233 16.32 19.66 -5.33
CA THR A 233 17.69 19.74 -5.93
C THR A 233 18.74 19.43 -4.85
N SER A 234 18.36 19.47 -3.55
CA SER A 234 19.23 19.15 -2.39
C SER A 234 18.99 17.72 -1.85
N MET A 235 18.18 16.88 -2.50
CA MET A 235 17.97 15.46 -2.11
C MET A 235 19.30 14.72 -2.24
N PRO A 236 19.60 13.70 -1.40
CA PRO A 236 20.84 12.92 -1.52
C PRO A 236 21.22 12.36 -2.90
N ASP A 237 20.27 11.80 -3.66
CA ASP A 237 20.53 11.14 -4.96
C ASP A 237 19.94 11.94 -6.14
N TYR A 238 19.48 13.19 -5.93
CA TYR A 238 19.11 14.11 -7.03
C TYR A 238 20.37 14.44 -7.82
N LYS A 239 20.33 14.33 -9.15
CA LYS A 239 21.38 14.78 -10.09
C LYS A 239 20.83 15.98 -10.87
N PRO A 240 21.61 17.09 -11.03
CA PRO A 240 21.33 18.07 -12.08
C PRO A 240 21.38 17.49 -13.50
N SER A 241 21.99 16.30 -13.68
CA SER A 241 22.15 15.58 -14.97
C SER A 241 20.92 14.70 -15.29
N PHE A 242 19.84 14.77 -14.52
CA PHE A 242 18.55 14.11 -14.88
C PHE A 242 18.00 14.77 -16.15
N PRO A 243 17.30 14.04 -17.06
CA PRO A 243 16.57 14.69 -18.14
C PRO A 243 15.38 15.51 -17.64
N LYS A 244 15.01 16.54 -18.38
CA LYS A 244 13.89 17.48 -18.08
C LYS A 244 12.71 17.09 -18.96
N TRP A 245 11.80 16.28 -18.43
CA TRP A 245 10.56 15.81 -19.10
C TRP A 245 9.40 16.74 -18.73
N ALA A 246 8.46 16.93 -19.67
CA ALA A 246 7.22 17.72 -19.49
C ALA A 246 6.13 16.83 -18.89
N ARG A 247 5.22 17.43 -18.11
CA ARG A 247 4.08 16.75 -17.43
C ARG A 247 3.04 16.33 -18.47
N GLN A 248 2.47 15.13 -18.34
CA GLN A 248 1.41 14.57 -19.21
C GLN A 248 0.04 14.92 -18.61
N ASP A 249 -0.93 15.24 -19.47
CA ASP A 249 -2.34 15.51 -19.10
C ASP A 249 -2.92 14.21 -18.51
N PHE A 250 -3.76 14.35 -17.49
CA PHE A 250 -4.14 13.27 -16.53
C PHE A 250 -5.29 12.42 -17.10
N SER A 251 -6.03 12.97 -18.07
CA SER A 251 -7.12 12.27 -18.80
C SER A 251 -6.51 11.19 -19.71
N LYS A 252 -5.22 11.27 -20.05
CA LYS A 252 -4.48 10.25 -20.85
C LYS A 252 -3.89 9.16 -19.92
N VAL A 253 -3.66 9.48 -18.65
CA VAL A 253 -2.96 8.60 -17.66
C VAL A 253 -3.97 7.64 -17.01
N VAL A 254 -5.16 8.12 -16.64
CA VAL A 254 -6.17 7.32 -15.88
C VAL A 254 -7.57 7.48 -16.48
N PRO A 255 -7.76 7.36 -17.81
CA PRO A 255 -9.12 7.32 -18.37
C PRO A 255 -9.78 5.97 -18.14
N PRO A 256 -11.14 5.88 -18.04
CA PRO A 256 -12.05 7.03 -18.09
C PRO A 256 -12.55 7.40 -16.69
N LEU A 257 -11.61 7.64 -15.78
CA LEU A 257 -11.91 8.13 -14.41
C LEU A 257 -12.46 9.56 -14.52
N ASP A 258 -13.56 9.84 -13.79
CA ASP A 258 -14.24 11.16 -13.76
C ASP A 258 -13.31 12.23 -13.16
N GLU A 259 -13.78 13.47 -13.12
CA GLU A 259 -12.94 14.65 -12.77
C GLU A 259 -12.64 14.65 -11.27
N ASP A 260 -13.55 14.12 -10.45
CA ASP A 260 -13.36 13.98 -8.98
C ASP A 260 -12.20 13.01 -8.74
N GLY A 261 -12.25 11.85 -9.39
CA GLY A 261 -11.22 10.79 -9.27
C GLY A 261 -9.85 11.31 -9.65
N ARG A 262 -9.74 11.95 -10.81
CA ARG A 262 -8.49 12.60 -11.32
C ARG A 262 -8.00 13.67 -10.34
N SER A 263 -8.90 14.56 -9.90
CA SER A 263 -8.66 15.59 -8.86
C SER A 263 -8.04 14.94 -7.61
N LEU A 264 -8.70 13.92 -7.06
CA LEU A 264 -8.20 13.19 -5.86
C LEU A 264 -6.87 12.51 -6.18
N LEU A 265 -6.70 11.94 -7.38
CA LEU A 265 -5.45 11.23 -7.75
C LEU A 265 -4.27 12.21 -7.77
N SER A 266 -4.45 13.40 -8.36
CA SER A 266 -3.37 14.41 -8.56
C SER A 266 -2.95 15.00 -7.21
N GLN A 267 -3.87 15.15 -6.25
CA GLN A 267 -3.54 15.54 -4.85
C GLN A 267 -2.78 14.39 -4.15
N MET A 268 -3.03 13.13 -4.51
CA MET A 268 -2.31 11.98 -3.91
C MET A 268 -0.91 11.84 -4.54
N LEU A 269 -0.70 12.36 -5.75
CA LEU A 269 0.60 12.24 -6.48
C LEU A 269 1.36 13.57 -6.57
N HIS A 270 1.10 14.53 -5.67
CA HIS A 270 1.94 15.76 -5.55
C HIS A 270 3.35 15.32 -5.20
N TYR A 271 4.34 15.80 -5.95
CA TYR A 271 5.78 15.58 -5.71
C TYR A 271 6.17 15.97 -4.28
N ASP A 272 5.69 17.12 -3.80
CA ASP A 272 6.10 17.67 -2.47
C ASP A 272 5.31 16.93 -1.39
N PRO A 273 5.95 16.10 -0.54
CA PRO A 273 5.22 15.30 0.45
C PRO A 273 4.33 16.14 1.37
N ASN A 274 4.73 17.38 1.67
CA ASN A 274 3.93 18.32 2.50
C ASN A 274 2.71 18.84 1.74
N LYS A 275 2.75 18.92 0.42
CA LYS A 275 1.57 19.30 -0.43
C LYS A 275 0.69 18.07 -0.67
N ARG A 276 1.24 16.86 -0.51
CA ARG A 276 0.52 15.59 -0.75
C ARG A 276 -0.60 15.49 0.30
N ILE A 277 -1.80 15.13 -0.14
CA ILE A 277 -3.06 15.17 0.69
C ILE A 277 -2.94 14.13 1.81
N SER A 278 -3.45 14.47 3.01
CA SER A 278 -3.53 13.56 4.18
C SER A 278 -4.70 12.60 3.96
N ALA A 279 -4.60 11.36 4.46
CA ALA A 279 -5.66 10.33 4.38
C ALA A 279 -6.97 10.93 4.91
N LYS A 280 -6.90 11.64 6.05
CA LYS A 280 -8.07 12.31 6.70
C LYS A 280 -8.74 13.25 5.71
N ALA A 281 -7.99 14.21 5.15
CA ALA A 281 -8.47 15.21 4.16
C ALA A 281 -9.07 14.51 2.94
N ALA A 282 -8.51 13.39 2.50
CA ALA A 282 -8.94 12.65 1.28
C ALA A 282 -10.32 11.99 1.50
N LEU A 283 -10.66 11.60 2.73
CA LEU A 283 -11.98 10.99 3.07
C LEU A 283 -13.11 12.01 2.84
N ALA A 284 -12.83 13.32 2.97
CA ALA A 284 -13.81 14.41 2.79
C ALA A 284 -13.85 14.92 1.35
N HIS A 285 -13.08 14.32 0.42
CA HIS A 285 -13.05 14.70 -1.02
C HIS A 285 -14.41 14.40 -1.63
N PRO A 286 -14.94 15.24 -2.56
CA PRO A 286 -16.23 14.97 -3.19
C PRO A 286 -16.35 13.63 -3.93
N PHE A 287 -15.22 13.01 -4.33
CA PHE A 287 -15.18 11.68 -4.98
C PHE A 287 -15.95 10.65 -4.15
N PHE A 288 -15.98 10.79 -2.82
CA PHE A 288 -16.67 9.83 -1.90
C PHE A 288 -18.08 10.29 -1.51
N GLN A 289 -18.65 11.30 -2.19
CA GLN A 289 -20.03 11.81 -1.93
C GLN A 289 -21.04 10.68 -2.12
N ASP A 290 -20.87 9.83 -3.15
CA ASP A 290 -21.83 8.77 -3.54
C ASP A 290 -21.30 7.37 -3.15
N VAL A 291 -20.48 7.25 -2.09
CA VAL A 291 -19.74 5.97 -1.77
C VAL A 291 -20.70 4.98 -1.11
N THR A 292 -20.55 3.70 -1.47
CA THR A 292 -21.37 2.55 -1.00
C THR A 292 -20.43 1.42 -0.57
N LYS A 293 -20.98 0.28 -0.15
CA LYS A 293 -20.21 -0.95 0.21
C LYS A 293 -20.75 -2.14 -0.59
N PRO A 294 -20.33 -2.32 -1.86
CA PRO A 294 -20.74 -3.47 -2.67
C PRO A 294 -19.87 -4.69 -2.33
N VAL A 295 -20.29 -5.87 -2.77
CA VAL A 295 -19.75 -7.20 -2.36
C VAL A 295 -19.27 -7.96 -3.60
N PRO A 296 -17.97 -8.34 -3.66
CA PRO A 296 -17.41 -8.97 -4.86
C PRO A 296 -17.71 -10.47 -4.95
N HIS A 297 -17.58 -11.04 -6.15
CA HIS A 297 -17.55 -12.51 -6.41
C HIS A 297 -16.09 -12.97 -6.34
N LEU A 298 -15.71 -13.63 -5.24
CA LEU A 298 -14.36 -14.23 -5.04
C LEU A 298 -14.44 -15.73 -5.34
N ARG A 299 -13.39 -16.31 -5.92
CA ARG A 299 -13.23 -17.78 -6.15
C ARG A 299 -12.15 -18.33 -5.20
C2 W5W B . 0.07 -12.81 -0.14
C4 W5W B . -0.47 -13.70 1.03
C6 W5W B . -2.70 -14.22 -0.05
C7 W5W B . 0.08 -15.15 0.95
C8 W5W B . -0.07 -13.08 2.39
C12 W5W B . 2.13 -12.51 1.36
C17 W5W B . -0.82 -13.28 4.64
C18 W5W B . -2.16 -13.45 5.06
C19 W5W B . -3.10 -14.33 4.28
C23 W5W B . -0.43 -11.79 6.51
C24 W5W B . 0.37 -10.86 7.39
O1 W5W B . 0.09 -13.49 -1.40
O5 W5W B . -1.92 -13.68 1.02
C10 W5W B . 1.39 -12.74 2.47
O11 W5W B . 2.00 -12.49 3.66
C13 W5W B . 3.62 -12.29 1.49
C14 W5W B . 1.48 -12.31 0.13
O15 W5W B . 2.03 -11.67 -0.76
O16 W5W B . -0.45 -13.89 3.50
C20 W5W B . -2.60 -12.79 6.22
O21 W5W B . -3.86 -12.91 6.68
C22 W5W B . -1.73 -11.97 6.92
C25 W5W B . 0.06 -12.43 5.33
C26 W5W B . 1.48 -12.29 4.89
O27 W5W B . 2.33 -12.09 5.73
C1 GOL C . 9.31 -8.15 5.77
O1 GOL C . 9.93 -9.26 6.42
C2 GOL C . 8.39 -8.60 4.64
O2 GOL C . 8.86 -9.80 4.04
C3 GOL C . 6.94 -8.80 5.08
O3 GOL C . 6.06 -8.92 3.97
#